data_4ZQW
#
_entry.id   4ZQW
#
_cell.length_a   34.779
_cell.length_b   128.166
_cell.length_c   44.953
_cell.angle_alpha   90.00
_cell.angle_beta   112.73
_cell.angle_gamma   90.00
#
_symmetry.space_group_name_H-M   'P 1 21 1'
#
loop_
_entity.id
_entity.type
_entity.pdbx_description
1 polymer 'Immunity protein CdiI-o11'
2 polymer 'macrocyclic peptide'
3 non-polymer 'CHLORIDE ION'
4 water water
#
loop_
_entity_poly.entity_id
_entity_poly.type
_entity_poly.pdbx_seq_one_letter_code
_entity_poly.pdbx_strand_id
1 'polypeptide(L)'
;MAFNKDQDYWANIFVTPDFLSVETYSGLGMTGRDPLFSPRLLQPDVDDKSLGEEILQALSDSRTLDVLEERVAFFDLEKS
KEQYAAWIATLMEKYGYRTKRALFKNMKKVGIHLVNDVITIRPSFHEKLEAWSGNRINESDYVVLPADSSPTEIGSGLRL
ALSRCKGTSLEHHHHHH
;
B,D
2 'polypeptide(L)' S(ORN)KEYALSGRELT A,C
#
loop_
_chem_comp.id
_chem_comp.type
_chem_comp.name
_chem_comp.formula
CL non-polymer 'CHLORIDE ION' 'Cl -1'
#
# COMPACT_ATOMS: atom_id res chain seq x y z
N ALA A 2 -11.46 14.49 -19.48
CA ALA A 2 -10.22 14.80 -18.78
C ALA A 2 -10.16 14.03 -17.46
N PHE A 3 -10.11 14.79 -16.37
CA PHE A 3 -10.14 14.20 -15.03
C PHE A 3 -11.54 13.68 -14.68
N ASN A 4 -11.61 12.42 -14.26
CA ASN A 4 -12.89 11.79 -13.93
C ASN A 4 -13.32 12.04 -12.49
N LYS A 5 -14.61 12.00 -12.23
CA LYS A 5 -15.14 12.22 -10.89
C LYS A 5 -14.66 11.14 -9.93
N ASP A 6 -14.28 11.55 -8.72
CA ASP A 6 -13.83 10.61 -7.69
C ASP A 6 -12.57 9.84 -8.07
N GLN A 7 -11.86 10.30 -9.10
CA GLN A 7 -10.62 9.64 -9.49
C GLN A 7 -9.46 10.50 -9.04
N ASP A 8 -8.47 9.85 -8.44
CA ASP A 8 -7.31 10.56 -7.92
C ASP A 8 -6.24 10.63 -9.00
N TYR A 9 -5.59 11.78 -9.09
CA TYR A 9 -4.46 11.99 -9.97
C TYR A 9 -3.31 12.58 -9.16
N TRP A 10 -2.13 12.06 -9.40
CA TRP A 10 -1.03 12.36 -8.52
C TRP A 10 0.14 12.80 -9.36
N ALA A 11 0.85 13.79 -8.85
CA ALA A 11 2.11 14.21 -9.43
C ALA A 11 2.98 14.66 -8.28
N ASN A 12 4.27 14.48 -8.42
CA ASN A 12 5.18 15.01 -7.42
C ASN A 12 6.21 15.80 -8.15
N ILE A 13 6.66 16.87 -7.50
CA ILE A 13 7.71 17.67 -8.05
C ILE A 13 8.90 17.55 -7.14
N PHE A 14 10.03 17.16 -7.71
CA PHE A 14 11.28 17.17 -6.97
C PHE A 14 12.08 18.31 -7.49
N VAL A 15 12.53 19.16 -6.57
CA VAL A 15 13.23 20.39 -6.88
C VAL A 15 14.56 20.43 -6.17
N THR A 16 15.63 20.59 -6.93
CA THR A 16 16.91 20.89 -6.35
C THR A 16 17.25 22.30 -6.80
N PRO A 17 18.33 22.88 -6.28
CA PRO A 17 18.76 24.13 -6.88
C PRO A 17 19.06 24.00 -8.38
N ASP A 18 19.24 22.78 -8.89
CA ASP A 18 19.67 22.57 -10.27
C ASP A 18 18.58 22.14 -11.24
N PHE A 19 17.43 21.72 -10.73
CA PHE A 19 16.39 21.29 -11.65
C PHE A 19 15.06 21.14 -10.99
N LEU A 20 14.04 21.02 -11.82
CA LEU A 20 12.71 20.80 -11.33
C LEU A 20 12.14 19.63 -12.11
N SER A 21 11.71 18.58 -11.42
CA SER A 21 11.23 17.37 -12.08
C SER A 21 9.78 17.14 -11.74
N VAL A 22 8.93 17.15 -12.77
CA VAL A 22 7.49 16.96 -12.61
C VAL A 22 7.22 15.51 -12.94
N GLU A 23 6.68 14.79 -11.97
CA GLU A 23 6.60 13.35 -12.13
C GLU A 23 5.19 12.87 -11.90
N THR A 24 4.69 12.17 -12.89
CA THR A 24 3.43 11.46 -12.75
C THR A 24 3.61 10.31 -11.77
N TYR A 25 2.75 10.26 -10.78
CA TYR A 25 2.66 9.11 -9.90
C TYR A 25 1.34 8.41 -10.19
N SER A 26 1.37 7.09 -10.18
CA SER A 26 0.17 6.27 -10.38
C SER A 26 0.10 5.24 -9.29
N GLY A 27 -1.08 4.66 -9.10
CA GLY A 27 -1.28 3.66 -8.08
C GLY A 27 -2.70 3.66 -7.60
N LEU A 28 -2.86 3.37 -6.32
CA LEU A 28 -4.14 3.26 -5.67
C LEU A 28 -3.87 3.12 -4.17
N GLY A 29 -4.06 4.20 -3.43
CA GLY A 29 -3.59 4.24 -2.06
C GLY A 29 -2.09 4.44 -2.14
N MET A 30 -1.34 3.37 -2.31
CA MET A 30 0.07 3.53 -2.60
C MET A 30 0.23 4.03 -4.02
N THR A 31 1.16 4.97 -4.20
CA THR A 31 1.44 5.46 -5.53
C THR A 31 2.93 5.36 -5.76
N GLY A 32 3.32 5.50 -7.01
CA GLY A 32 4.71 5.46 -7.38
C GLY A 32 4.96 6.17 -8.71
N ARG A 33 6.18 6.64 -8.87
CA ARG A 33 6.57 7.25 -10.13
C ARG A 33 6.20 6.29 -11.25
N ASP A 34 5.43 6.79 -12.19
CA ASP A 34 4.91 5.93 -13.23
C ASP A 34 5.88 5.89 -14.39
N PRO A 35 6.63 4.78 -14.56
CA PRO A 35 7.73 4.73 -15.53
C PRO A 35 7.24 4.70 -16.98
N LEU A 36 5.93 4.67 -17.20
CA LEU A 36 5.41 4.73 -18.57
C LEU A 36 5.84 6.04 -19.22
N PHE A 37 5.95 7.08 -18.41
CA PHE A 37 6.05 8.42 -18.94
C PHE A 37 7.44 9.00 -18.86
N SER A 38 7.90 9.62 -19.94
CA SER A 38 9.21 10.24 -19.95
C SER A 38 9.18 11.37 -18.91
N PRO A 39 10.34 11.73 -18.36
CA PRO A 39 10.45 12.44 -17.06
C PRO A 39 9.86 13.85 -16.79
N ARG A 40 10.01 14.80 -17.71
CA ARG A 40 9.52 16.18 -17.50
C ARG A 40 10.45 16.97 -16.57
N LEU A 41 11.67 17.17 -17.04
CA LEU A 41 12.69 17.89 -16.28
C LEU A 41 12.70 19.33 -16.72
N LEU A 42 12.60 20.24 -15.77
CA LEU A 42 12.55 21.67 -16.10
C LEU A 42 13.71 22.41 -15.46
N GLN A 43 14.04 23.58 -16.01
CA GLN A 43 15.05 24.43 -15.42
C GLN A 43 14.49 24.90 -14.08
N PRO A 44 15.37 24.95 -13.06
CA PRO A 44 14.92 25.34 -11.71
C PRO A 44 14.08 26.61 -11.73
N ASP A 45 14.35 27.51 -12.68
CA ASP A 45 13.68 28.81 -12.75
C ASP A 45 12.57 28.88 -13.81
N VAL A 46 12.14 27.73 -14.30
CA VAL A 46 11.02 27.66 -15.23
C VAL A 46 9.86 28.58 -14.83
N ASP A 47 9.31 29.29 -15.83
CA ASP A 47 8.21 30.22 -15.59
C ASP A 47 6.95 29.50 -15.09
N ASP A 48 6.14 30.22 -14.34
CA ASP A 48 4.92 29.66 -13.75
C ASP A 48 4.01 28.96 -14.77
N LYS A 49 3.79 29.59 -15.92
CA LYS A 49 2.85 29.04 -16.91
C LYS A 49 3.33 27.72 -17.48
N SER A 50 4.61 27.64 -17.86
CA SER A 50 5.16 26.38 -18.36
C SER A 50 5.05 25.27 -17.30
N LEU A 51 5.35 25.63 -16.05
CA LEU A 51 5.32 24.73 -14.90
C LEU A 51 3.89 24.23 -14.68
N GLY A 52 2.95 25.16 -14.71
CA GLY A 52 1.55 24.82 -14.51
C GLY A 52 1.07 23.87 -15.57
N GLU A 53 1.44 24.12 -16.82
CA GLU A 53 1.05 23.26 -17.94
C GLU A 53 1.65 21.86 -17.78
N GLU A 54 2.89 21.81 -17.35
CA GLU A 54 3.55 20.55 -17.12
C GLU A 54 2.84 19.79 -16.00
N ILE A 55 2.52 20.47 -14.91
CA ILE A 55 1.89 19.83 -13.76
C ILE A 55 0.54 19.25 -14.14
N LEU A 56 -0.26 20.04 -14.85
CA LEU A 56 -1.57 19.58 -15.32
C LEU A 56 -1.47 18.37 -16.25
N GLN A 57 -0.46 18.34 -17.10
CA GLN A 57 -0.23 17.21 -18.00
C GLN A 57 0.25 15.98 -17.23
N ALA A 58 1.18 16.18 -16.30
CA ALA A 58 1.64 15.10 -15.44
C ALA A 58 0.48 14.54 -14.65
N LEU A 59 -0.38 15.42 -14.15
CA LEU A 59 -1.59 14.97 -13.46
C LEU A 59 -2.48 14.17 -14.42
N SER A 60 -2.59 14.60 -15.68
CA SER A 60 -3.47 13.90 -16.61
C SER A 60 -2.92 12.49 -16.95
N ASP A 61 -1.63 12.28 -16.75
CA ASP A 61 -1.06 10.97 -17.06
C ASP A 61 -1.17 10.00 -15.89
N SER A 62 -1.62 10.50 -14.75
CA SER A 62 -1.60 9.70 -13.53
C SER A 62 -2.68 8.63 -13.57
N ARG A 63 -2.27 7.38 -13.38
CA ARG A 63 -3.20 6.27 -13.55
C ARG A 63 -3.67 5.74 -12.24
N THR A 64 -4.93 5.33 -12.22
CA THR A 64 -5.46 4.57 -11.09
C THR A 64 -5.35 3.09 -11.43
N LEU A 65 -4.48 2.38 -10.72
CA LEU A 65 -4.24 0.97 -11.03
C LEU A 65 -5.32 0.11 -10.42
N ASP A 66 -6.49 0.12 -11.06
CA ASP A 66 -7.66 -0.57 -10.56
C ASP A 66 -7.55 -2.07 -10.72
N VAL A 67 -6.68 -2.52 -11.62
CA VAL A 67 -6.55 -3.96 -11.86
C VAL A 67 -5.50 -4.54 -10.92
N LEU A 68 -5.90 -5.57 -10.19
CA LEU A 68 -5.03 -6.17 -9.18
C LEU A 68 -3.64 -6.51 -9.70
N GLU A 69 -3.60 -7.30 -10.76
CA GLU A 69 -2.34 -7.74 -11.36
C GLU A 69 -1.52 -6.55 -11.78
N GLU A 70 -2.21 -5.52 -12.25
CA GLU A 70 -1.56 -4.27 -12.66
C GLU A 70 -0.84 -3.63 -11.48
N ARG A 71 -1.53 -3.55 -10.35
CA ARG A 71 -0.94 -3.03 -9.10
C ARG A 71 0.27 -3.84 -8.66
N VAL A 72 0.06 -5.14 -8.53
CA VAL A 72 1.11 -6.04 -8.09
C VAL A 72 2.35 -5.90 -8.97
N ALA A 73 2.16 -5.86 -10.28
CA ALA A 73 3.28 -5.67 -11.20
C ALA A 73 3.92 -4.27 -11.06
N PHE A 74 3.09 -3.24 -10.88
CA PHE A 74 3.59 -1.88 -10.81
C PHE A 74 4.52 -1.74 -9.60
N PHE A 75 4.19 -2.44 -8.52
CA PHE A 75 4.92 -2.26 -7.26
C PHE A 75 5.91 -3.37 -6.92
N ASP A 76 6.10 -4.29 -7.86
CA ASP A 76 7.11 -5.33 -7.73
C ASP A 76 8.41 -4.75 -7.16
N LEU A 77 8.92 -5.35 -6.09
CA LEU A 77 10.03 -4.76 -5.33
C LEU A 77 11.30 -4.65 -6.15
N GLU A 78 11.65 -5.71 -6.87
CA GLU A 78 12.85 -5.67 -7.70
C GLU A 78 12.68 -4.59 -8.78
N LYS A 79 11.49 -4.51 -9.36
CA LYS A 79 11.23 -3.55 -10.41
C LYS A 79 11.20 -2.12 -9.87
N SER A 80 10.56 -1.93 -8.73
CA SER A 80 10.52 -0.64 -8.07
C SER A 80 11.94 -0.19 -7.74
N LYS A 81 12.73 -1.13 -7.23
CA LYS A 81 14.07 -0.85 -6.78
C LYS A 81 14.93 -0.43 -7.96
N GLU A 82 14.85 -1.19 -9.04
CA GLU A 82 15.61 -0.89 -10.24
C GLU A 82 15.19 0.46 -10.84
N GLN A 83 13.89 0.76 -10.83
CA GLN A 83 13.41 2.01 -11.41
C GLN A 83 13.91 3.19 -10.59
N TYR A 84 13.81 3.09 -9.27
CA TYR A 84 14.25 4.19 -8.42
C TYR A 84 15.75 4.38 -8.59
N ALA A 85 16.50 3.28 -8.56
CA ALA A 85 17.94 3.36 -8.73
C ALA A 85 18.24 3.98 -10.06
N ALA A 86 17.52 3.56 -11.09
CA ALA A 86 17.70 4.10 -12.43
C ALA A 86 17.40 5.60 -12.42
N TRP A 87 16.35 5.97 -11.70
CA TRP A 87 15.95 7.36 -11.55
C TRP A 87 17.10 8.20 -11.02
N ILE A 88 17.67 7.76 -9.90
CA ILE A 88 18.81 8.45 -9.28
C ILE A 88 19.97 8.63 -10.26
N ALA A 89 20.26 7.56 -10.98
CA ALA A 89 21.40 7.50 -11.88
C ALA A 89 21.30 8.57 -12.96
N THR A 90 20.12 8.68 -13.54
CA THR A 90 19.86 9.64 -14.61
C THR A 90 20.07 11.06 -14.10
N LEU A 91 19.43 11.39 -12.98
CA LEU A 91 19.54 12.73 -12.42
C LEU A 91 20.99 13.07 -12.10
N MET A 92 21.69 12.15 -11.44
CA MET A 92 23.10 12.34 -11.13
C MET A 92 23.92 12.59 -12.39
N GLU A 93 23.71 11.76 -13.40
CA GLU A 93 24.45 11.88 -14.66
C GLU A 93 24.15 13.20 -15.37
N LYS A 94 22.87 13.56 -15.42
CA LYS A 94 22.45 14.73 -16.19
C LYS A 94 22.90 16.04 -15.57
N TYR A 95 22.95 16.11 -14.26
CA TYR A 95 23.29 17.38 -13.60
C TYR A 95 24.62 17.32 -12.88
N GLY A 96 25.35 16.22 -13.07
CA GLY A 96 26.69 16.08 -12.53
C GLY A 96 26.81 16.02 -11.01
N TYR A 97 25.87 15.33 -10.36
CA TYR A 97 26.01 15.10 -8.94
C TYR A 97 26.98 13.95 -8.71
N ARG A 98 28.03 14.20 -7.94
CA ARG A 98 29.04 13.19 -7.67
C ARG A 98 28.49 12.04 -6.84
N THR A 99 27.66 12.37 -5.86
CA THR A 99 27.07 11.36 -4.99
C THR A 99 25.57 11.47 -4.97
N LYS A 100 24.90 10.42 -4.46
CA LYS A 100 23.48 10.49 -4.20
C LYS A 100 23.15 11.63 -3.25
N ARG A 101 24.01 11.84 -2.26
CA ARG A 101 23.79 12.88 -1.27
C ARG A 101 23.70 14.25 -1.92
N ALA A 102 24.61 14.51 -2.85
CA ALA A 102 24.64 15.78 -3.57
C ALA A 102 23.29 15.98 -4.23
N LEU A 103 22.81 14.94 -4.90
CA LEU A 103 21.52 15.00 -5.57
C LEU A 103 20.39 15.30 -4.59
N PHE A 104 20.40 14.62 -3.44
CA PHE A 104 19.28 14.68 -2.53
C PHE A 104 19.31 15.79 -1.46
N LYS A 105 20.49 16.27 -1.11
CA LYS A 105 20.65 17.06 0.10
C LYS A 105 19.84 18.35 0.10
N ASN A 106 19.64 18.94 -1.06
CA ASN A 106 18.78 20.11 -1.15
C ASN A 106 17.54 19.81 -2.00
N MET A 107 17.12 18.55 -2.04
CA MET A 107 15.97 18.24 -2.86
C MET A 107 14.70 18.39 -2.06
N LYS A 108 13.84 19.25 -2.57
CA LYS A 108 12.53 19.43 -2.02
C LYS A 108 11.59 18.55 -2.79
N LYS A 109 10.46 18.23 -2.19
CA LYS A 109 9.47 17.48 -2.89
C LYS A 109 8.14 18.14 -2.60
N VAL A 110 7.40 18.45 -3.66
CA VAL A 110 6.05 18.95 -3.46
C VAL A 110 5.11 17.95 -4.09
N GLY A 111 4.10 17.54 -3.33
CA GLY A 111 3.14 16.56 -3.79
C GLY A 111 1.95 17.29 -4.35
N ILE A 112 1.47 16.85 -5.51
CA ILE A 112 0.29 17.43 -6.10
C ILE A 112 -0.78 16.36 -6.26
N HIS A 113 -1.98 16.69 -5.81
CA HIS A 113 -3.07 15.76 -5.84
C HIS A 113 -4.31 16.42 -6.38
N LEU A 114 -4.89 15.83 -7.43
CA LEU A 114 -6.10 16.36 -7.99
C LEU A 114 -7.18 15.31 -7.86
N VAL A 115 -8.22 15.65 -7.11
CA VAL A 115 -9.39 14.81 -7.06
C VAL A 115 -10.57 15.72 -7.15
N ASN A 116 -11.50 15.35 -8.02
CA ASN A 116 -12.72 16.10 -8.21
C ASN A 116 -12.44 17.55 -8.58
N ASP A 117 -12.90 18.49 -7.76
CA ASP A 117 -12.78 19.88 -8.17
C ASP A 117 -11.52 20.57 -7.64
N VAL A 118 -10.64 19.81 -7.00
CA VAL A 118 -9.58 20.43 -6.21
C VAL A 118 -8.16 19.92 -6.47
N ILE A 119 -7.25 20.86 -6.67
CA ILE A 119 -5.82 20.53 -6.72
C ILE A 119 -5.23 20.88 -5.37
N THR A 120 -4.61 19.91 -4.71
CA THR A 120 -3.98 20.13 -3.41
C THR A 120 -2.48 20.02 -3.58
N ILE A 121 -1.76 21.04 -3.16
CA ILE A 121 -0.33 21.08 -3.35
C ILE A 121 0.32 21.03 -1.98
N ARG A 122 0.97 19.92 -1.68
CA ARG A 122 1.48 19.74 -0.33
C ARG A 122 2.98 19.90 -0.28
N PRO A 123 3.43 20.87 0.51
CA PRO A 123 4.84 20.92 0.88
C PRO A 123 5.17 19.65 1.67
N SER A 124 6.44 19.32 1.78
CA SER A 124 6.82 18.14 2.52
C SER A 124 7.96 18.49 3.45
N PHE A 125 8.17 17.62 4.42
CA PHE A 125 9.30 17.71 5.32
C PHE A 125 10.34 16.73 4.81
N HIS A 126 11.51 17.28 4.52
CA HIS A 126 12.62 16.50 4.03
C HIS A 126 13.31 15.81 5.20
N GLU A 127 12.78 14.67 5.61
CA GLU A 127 13.12 14.08 6.90
C GLU A 127 14.42 13.27 6.91
N LYS A 128 14.69 12.56 5.82
CA LYS A 128 15.95 11.85 5.65
C LYS A 128 16.44 12.27 4.30
N LEU A 129 17.66 11.89 3.94
CA LEU A 129 18.17 12.25 2.62
C LEU A 129 17.16 11.92 1.52
N GLU A 130 16.65 10.68 1.53
CA GLU A 130 15.81 10.26 0.42
C GLU A 130 14.36 10.05 0.81
N ALA A 131 13.91 10.79 1.83
CA ALA A 131 12.54 10.65 2.28
C ALA A 131 11.90 12.00 2.58
N TRP A 132 10.67 12.14 2.13
CA TRP A 132 9.87 13.33 2.35
C TRP A 132 8.58 12.93 3.01
N SER A 133 8.26 13.61 4.08
CA SER A 133 7.10 13.23 4.84
C SER A 133 6.16 14.40 5.01
N GLY A 134 4.89 14.06 5.12
CA GLY A 134 3.86 15.04 5.41
C GLY A 134 3.79 15.31 6.89
N ASN A 135 4.50 14.52 7.70
CA ASN A 135 4.55 14.81 9.12
C ASN A 135 5.20 16.18 9.26
N ARG A 136 4.78 16.96 10.22
CA ARG A 136 5.42 18.24 10.45
C ARG A 136 5.11 19.27 9.35
N ILE A 137 4.32 18.87 8.36
CA ILE A 137 3.67 19.85 7.50
C ILE A 137 2.20 19.93 7.91
N ASN A 138 1.75 21.10 8.33
CA ASN A 138 0.38 21.22 8.79
C ASN A 138 -0.55 21.38 7.62
N GLU A 139 -1.77 20.88 7.76
CA GLU A 139 -2.78 20.96 6.69
C GLU A 139 -2.89 22.40 6.17
N SER A 140 -2.77 23.35 7.09
CA SER A 140 -2.88 24.77 6.75
C SER A 140 -1.80 25.25 5.78
N ASP A 141 -0.72 24.50 5.65
CA ASP A 141 0.35 24.90 4.74
C ASP A 141 0.13 24.40 3.31
N TYR A 142 -0.91 23.58 3.12
CA TYR A 142 -1.29 23.12 1.79
C TYR A 142 -1.71 24.31 0.92
N VAL A 143 -1.38 24.25 -0.35
CA VAL A 143 -1.91 25.22 -1.29
C VAL A 143 -3.01 24.52 -2.06
N VAL A 144 -4.23 24.99 -1.88
CA VAL A 144 -5.39 24.38 -2.50
C VAL A 144 -5.91 25.29 -3.59
N LEU A 145 -6.09 24.73 -4.77
CA LEU A 145 -6.51 25.47 -5.94
C LEU A 145 -7.59 24.70 -6.65
N PRO A 146 -8.61 25.41 -7.15
CA PRO A 146 -9.56 24.74 -8.03
C PRO A 146 -8.82 24.09 -9.20
N ALA A 147 -9.33 22.98 -9.70
CA ALA A 147 -8.70 22.26 -10.80
C ALA A 147 -8.67 23.07 -12.08
N ASP A 148 -9.59 24.02 -12.20
CA ASP A 148 -9.68 24.83 -13.42
C ASP A 148 -8.79 26.07 -13.37
N SER A 149 -7.90 26.15 -12.38
CA SER A 149 -6.95 27.26 -12.32
C SER A 149 -6.13 27.35 -13.60
N SER A 150 -5.75 28.56 -14.00
CA SER A 150 -4.87 28.73 -15.14
C SER A 150 -3.55 28.01 -14.86
N PRO A 151 -2.84 27.56 -15.91
CA PRO A 151 -1.52 26.97 -15.67
C PRO A 151 -0.63 27.90 -14.84
N THR A 152 -0.74 29.21 -15.05
CA THR A 152 0.10 30.13 -14.31
C THR A 152 -0.18 30.07 -12.79
N GLU A 153 -1.45 30.02 -12.40
CA GLU A 153 -1.80 29.95 -10.97
C GLU A 153 -1.35 28.63 -10.35
N ILE A 154 -1.37 27.57 -11.14
CA ILE A 154 -0.88 26.30 -10.65
C ILE A 154 0.64 26.37 -10.44
N GLY A 155 1.34 26.90 -11.43
CA GLY A 155 2.77 27.12 -11.31
C GLY A 155 3.10 27.99 -10.11
N SER A 156 2.41 29.12 -9.99
CA SER A 156 2.62 29.99 -8.85
C SER A 156 2.35 29.27 -7.53
N GLY A 157 1.32 28.43 -7.53
CA GLY A 157 0.94 27.71 -6.33
C GLY A 157 1.98 26.67 -5.99
N LEU A 158 2.61 26.11 -7.00
CA LEU A 158 3.69 25.16 -6.74
C LEU A 158 4.85 25.86 -6.04
N ARG A 159 5.14 27.07 -6.50
CA ARG A 159 6.23 27.88 -5.94
C ARG A 159 5.94 28.26 -4.50
N LEU A 160 4.68 28.56 -4.22
CA LEU A 160 4.28 28.84 -2.86
C LEU A 160 4.51 27.63 -1.96
N ALA A 161 4.05 26.46 -2.39
CA ALA A 161 4.24 25.25 -1.59
C ALA A 161 5.72 24.99 -1.38
N LEU A 162 6.51 25.13 -2.43
CA LEU A 162 7.95 24.90 -2.32
C LEU A 162 8.55 25.73 -1.20
N SER A 163 8.12 26.98 -1.11
CA SER A 163 8.60 27.88 -0.07
C SER A 163 8.21 27.39 1.34
N ARG A 164 7.28 26.44 1.40
CA ARG A 164 6.80 25.97 2.70
C ARG A 164 7.34 24.60 3.08
N CYS A 165 8.15 24.01 2.21
CA CYS A 165 8.79 22.75 2.55
C CYS A 165 9.75 22.98 3.71
N LYS A 166 9.91 21.97 4.55
CA LYS A 166 10.85 22.02 5.66
C LYS A 166 11.94 20.97 5.45
N GLY A 167 13.12 21.20 6.00
CA GLY A 167 14.24 20.32 5.74
C GLY A 167 15.16 20.13 6.92
N THR A 168 16.11 19.21 6.76
CA THR A 168 17.14 18.95 7.76
C THR A 168 16.55 18.54 9.11
N SER B 1 -2.25 6.69 1.80
CA SER B 1 -3.68 6.48 2.01
C SER B 1 -4.19 6.70 3.45
N ORN B 2 -4.74 12.11 5.41
CA ORN B 2 -3.55 11.31 5.90
CB ORN B 2 -3.53 9.94 5.25
CG ORN B 2 -4.38 8.90 5.90
CD ORN B 2 -3.78 7.45 5.66
NE ORN B 2 -3.37 7.25 4.35
C ORN B 2 -2.26 11.96 5.52
O ORN B 2 -2.14 12.47 4.46
H2 ORN B 2 -4.87 12.03 4.38
H ORN B 2 -4.66 13.12 5.61
HA ORN B 2 -3.59 11.21 7.00
HB2 ORN B 2 -3.84 10.03 4.20
HB3 ORN B 2 -2.49 9.57 5.30
HG2 ORN B 2 -5.41 8.94 5.48
HG3 ORN B 2 -4.43 9.09 6.99
HD2 ORN B 2 -2.89 7.33 6.34
HD3 ORN B 2 -4.59 6.66 5.92
HE1 ORN B 2 -2.39 7.54 4.16
N LYS B 3 -1.29 11.87 6.41
CA LYS B 3 0.03 12.41 6.10
C LYS B 3 0.65 11.46 5.07
N GLU B 4 1.36 12.03 4.12
CA GLU B 4 1.97 11.23 3.07
C GLU B 4 3.42 10.97 3.40
N TYR B 5 3.96 9.91 2.83
CA TYR B 5 5.37 9.61 2.98
C TYR B 5 5.95 9.22 1.63
N ALA B 6 7.00 9.91 1.21
CA ALA B 6 7.57 9.66 -0.09
C ALA B 6 8.97 9.09 0.07
N LEU B 7 9.18 7.93 -0.53
CA LEU B 7 10.42 7.20 -0.41
C LEU B 7 10.62 6.27 -1.60
N SER B 8 11.80 6.31 -2.19
CA SER B 8 12.22 5.36 -3.22
C SER B 8 11.28 5.29 -4.42
N GLY B 9 10.80 6.44 -4.87
CA GLY B 9 9.98 6.47 -6.06
C GLY B 9 8.56 6.06 -5.73
N ARG B 10 8.27 6.02 -4.45
CA ARG B 10 6.96 5.63 -3.96
C ARG B 10 6.40 6.68 -3.05
N GLU B 11 5.09 6.70 -2.90
CA GLU B 11 4.48 7.54 -1.89
C GLU B 11 3.28 6.85 -1.29
N LEU B 12 3.27 6.82 0.03
CA LEU B 12 2.13 6.29 0.77
C LEU B 12 1.12 7.41 0.91
N THR B 13 -0.05 7.24 0.31
CA THR B 13 -1.06 8.29 0.34
C THR B 13 -2.26 7.86 1.16
N ALA C 2 -15.57 -2.69 21.72
CA ALA C 2 -15.05 -3.78 20.90
C ALA C 2 -14.64 -3.25 19.53
N PHE C 3 -15.30 -3.75 18.50
CA PHE C 3 -15.06 -3.27 17.14
C PHE C 3 -15.67 -1.88 16.95
N ASN C 4 -14.86 -0.95 16.46
CA ASN C 4 -15.31 0.42 16.27
C ASN C 4 -15.95 0.65 14.90
N LYS C 5 -16.84 1.63 14.83
CA LYS C 5 -17.54 1.97 13.59
C LYS C 5 -16.55 2.45 12.52
N ASP C 6 -16.77 2.02 11.28
CA ASP C 6 -15.93 2.43 10.16
C ASP C 6 -14.46 2.01 10.32
N GLN C 7 -14.20 1.09 11.23
CA GLN C 7 -12.85 0.58 11.42
C GLN C 7 -12.75 -0.82 10.85
N ASP C 8 -11.70 -1.08 10.09
CA ASP C 8 -11.49 -2.38 9.46
C ASP C 8 -10.68 -3.27 10.37
N TYR C 9 -11.10 -4.54 10.45
CA TYR C 9 -10.35 -5.54 11.19
C TYR C 9 -10.14 -6.72 10.28
N TRP C 10 -8.94 -7.25 10.31
CA TRP C 10 -8.53 -8.21 9.31
C TRP C 10 -7.94 -9.40 9.99
N ALA C 11 -8.25 -10.56 9.45
CA ALA C 11 -7.61 -11.80 9.85
C ALA C 11 -7.52 -12.67 8.61
N ASN C 12 -6.50 -13.50 8.57
CA ASN C 12 -6.40 -14.48 7.50
C ASN C 12 -6.18 -15.83 8.13
N ILE C 13 -6.75 -16.83 7.48
CA ILE C 13 -6.59 -18.20 7.92
C ILE C 13 -5.83 -18.89 6.83
N PHE C 14 -4.71 -19.47 7.21
CA PHE C 14 -3.97 -20.32 6.30
C PHE C 14 -4.21 -21.74 6.78
N VAL C 15 -4.64 -22.60 5.86
CA VAL C 15 -5.02 -23.97 6.18
C VAL C 15 -4.26 -24.95 5.32
N THR C 16 -3.56 -25.87 5.96
CA THR C 16 -2.99 -26.99 5.25
C THR C 16 -3.73 -28.21 5.75
N PRO C 17 -3.48 -29.37 5.14
CA PRO C 17 -4.02 -30.59 5.72
C PRO C 17 -3.53 -30.82 7.15
N ASP C 18 -2.45 -30.14 7.54
CA ASP C 18 -1.81 -30.38 8.83
C ASP C 18 -2.08 -29.32 9.89
N PHE C 19 -2.61 -28.17 9.48
CA PHE C 19 -2.87 -27.16 10.48
C PHE C 19 -3.74 -26.04 9.98
N LEU C 20 -4.22 -25.27 10.93
CA LEU C 20 -5.02 -24.12 10.64
C LEU C 20 -4.44 -22.99 11.44
N SER C 21 -4.07 -21.90 10.76
CA SER C 21 -3.43 -20.78 11.41
C SER C 21 -4.30 -19.55 11.28
N VAL C 22 -4.71 -19.00 12.41
CA VAL C 22 -5.56 -17.81 12.44
C VAL C 22 -4.65 -16.64 12.71
N GLU C 23 -4.62 -15.69 11.80
CA GLU C 23 -3.61 -14.66 11.88
C GLU C 23 -4.22 -13.30 11.82
N THR C 24 -3.88 -12.52 12.83
CA THR C 24 -4.22 -11.11 12.81
C THR C 24 -3.40 -10.38 11.76
N TYR C 25 -4.10 -9.66 10.89
CA TYR C 25 -3.46 -8.76 9.95
C TYR C 25 -3.81 -7.34 10.38
N SER C 26 -2.83 -6.46 10.26
CA SER C 26 -3.02 -5.04 10.58
C SER C 26 -2.48 -4.22 9.43
N GLY C 27 -2.87 -2.96 9.37
CA GLY C 27 -2.39 -2.07 8.35
C GLY C 27 -3.41 -0.98 8.09
N LEU C 28 -3.48 -0.59 6.84
CA LEU C 28 -4.36 0.47 6.37
C LEU C 28 -4.30 0.42 4.85
N GLY C 29 -5.31 -0.16 4.23
CA GLY C 29 -5.21 -0.48 2.81
C GLY C 29 -4.31 -1.70 2.68
N MET C 30 -3.01 -1.49 2.67
CA MET C 30 -2.14 -2.65 2.75
C MET C 30 -2.21 -3.21 4.17
N THR C 31 -2.26 -4.53 4.28
CA THR C 31 -2.27 -5.12 5.58
C THR C 31 -1.18 -6.14 5.62
N GLY C 32 -0.84 -6.57 6.82
CA GLY C 32 0.21 -7.55 6.99
C GLY C 32 0.04 -8.29 8.31
N ARG C 33 0.57 -9.51 8.33
CA ARG C 33 0.58 -10.30 9.54
C ARG C 33 1.19 -9.46 10.64
N ASP C 34 0.42 -9.29 11.71
CA ASP C 34 0.83 -8.40 12.75
C ASP C 34 1.66 -9.16 13.77
N PRO C 35 3.00 -8.95 13.76
CA PRO C 35 3.90 -9.78 14.56
C PRO C 35 3.81 -9.50 16.07
N LEU C 36 3.01 -8.53 16.47
CA LEU C 36 2.81 -8.26 17.89
C LEU C 36 2.19 -9.47 18.56
N PHE C 37 1.38 -10.21 17.81
CA PHE C 37 0.54 -11.20 18.43
C PHE C 37 1.06 -12.59 18.19
N SER C 38 1.11 -13.38 19.25
CA SER C 38 1.59 -14.74 19.17
C SER C 38 0.62 -15.56 18.35
N PRO C 39 1.07 -16.70 17.91
CA PRO C 39 0.37 -17.47 16.90
C PRO C 39 -0.97 -17.98 17.36
N ARG C 40 -1.78 -18.45 16.42
CA ARG C 40 -3.06 -19.05 16.75
C ARG C 40 -3.18 -20.25 15.84
N LEU C 41 -2.37 -21.25 16.14
CA LEU C 41 -2.31 -22.45 15.33
C LEU C 41 -3.26 -23.47 15.90
N LEU C 42 -4.14 -23.98 15.05
CA LEU C 42 -5.14 -24.94 15.47
C LEU C 42 -5.00 -26.25 14.71
N GLN C 43 -5.54 -27.32 15.28
CA GLN C 43 -5.56 -28.59 14.61
C GLN C 43 -6.44 -28.40 13.39
N PRO C 44 -6.04 -28.99 12.26
CA PRO C 44 -6.79 -28.82 11.01
C PRO C 44 -8.29 -29.08 11.18
N ASP C 45 -8.64 -29.93 12.15
CA ASP C 45 -10.04 -30.32 12.37
C ASP C 45 -10.67 -29.64 13.58
N VAL C 46 -10.05 -28.57 14.09
CA VAL C 46 -10.62 -27.78 15.17
C VAL C 46 -12.12 -27.53 14.99
N ASP C 47 -12.88 -27.69 16.07
CA ASP C 47 -14.33 -27.50 16.04
C ASP C 47 -14.71 -26.06 15.70
N ASP C 48 -15.89 -25.92 15.11
CA ASP C 48 -16.41 -24.63 14.66
C ASP C 48 -16.39 -23.54 15.75
N LYS C 49 -16.83 -23.89 16.96
CA LYS C 49 -16.92 -22.90 18.03
C LYS C 49 -15.54 -22.39 18.45
N SER C 50 -14.60 -23.29 18.64
CA SER C 50 -13.23 -22.89 18.98
C SER C 50 -12.63 -22.00 17.88
N LEU C 51 -12.87 -22.40 16.63
CA LEU C 51 -12.38 -21.68 15.47
C LEU C 51 -12.98 -20.27 15.40
N GLY C 52 -14.29 -20.19 15.62
CA GLY C 52 -14.99 -18.92 15.60
C GLY C 52 -14.50 -17.98 16.66
N GLU C 53 -14.26 -18.51 17.86
CA GLU C 53 -13.75 -17.73 18.98
C GLU C 53 -12.36 -17.22 18.66
N GLU C 54 -11.57 -18.07 18.04
CA GLU C 54 -10.23 -17.67 17.63
C GLU C 54 -10.29 -16.55 16.60
N ILE C 55 -11.16 -16.71 15.61
CA ILE C 55 -11.28 -15.74 14.52
C ILE C 55 -11.71 -14.37 15.06
N LEU C 56 -12.72 -14.37 15.93
CA LEU C 56 -13.20 -13.14 16.55
C LEU C 56 -12.12 -12.43 17.36
N GLN C 57 -11.30 -13.20 18.08
CA GLN C 57 -10.22 -12.64 18.87
C GLN C 57 -9.12 -12.11 17.97
N ALA C 58 -8.76 -12.88 16.94
CA ALA C 58 -7.79 -12.44 15.94
C ALA C 58 -8.26 -11.16 15.30
N LEU C 59 -9.54 -11.10 14.98
CA LEU C 59 -10.09 -9.88 14.42
C LEU C 59 -9.99 -8.75 15.44
N SER C 60 -10.22 -9.04 16.72
CA SER C 60 -10.18 -7.95 17.72
C SER C 60 -8.74 -7.44 17.90
N ASP C 61 -7.74 -8.23 17.53
CA ASP C 61 -6.36 -7.78 17.68
C ASP C 61 -5.88 -6.98 16.48
N SER C 62 -6.71 -6.91 15.45
CA SER C 62 -6.29 -6.29 14.19
C SER C 62 -6.20 -4.77 14.32
N ARG C 63 -5.05 -4.21 13.99
CA ARG C 63 -4.83 -2.78 14.22
C ARG C 63 -4.95 -1.98 12.95
N THR C 64 -5.52 -0.80 13.09
CA THR C 64 -5.46 0.19 12.03
C THR C 64 -4.26 1.09 12.27
N LEU C 65 -3.25 0.98 11.43
CA LEU C 65 -2.03 1.76 11.62
C LEU C 65 -2.21 3.17 11.11
N ASP C 66 -2.92 3.98 11.89
CA ASP C 66 -3.27 5.34 11.49
C ASP C 66 -2.07 6.28 11.54
N VAL C 67 -1.04 5.89 12.27
CA VAL C 67 0.14 6.76 12.42
C VAL C 67 1.15 6.45 11.32
N LEU C 68 1.53 7.49 10.59
CA LEU C 68 2.41 7.36 9.43
C LEU C 68 3.67 6.53 9.71
N GLU C 69 4.43 6.96 10.71
CA GLU C 69 5.67 6.30 11.08
C GLU C 69 5.42 4.86 11.46
N GLU C 70 4.27 4.62 12.07
CA GLU C 70 3.82 3.28 12.45
C GLU C 70 3.66 2.39 11.21
N ARG C 71 2.99 2.92 10.18
CA ARG C 71 2.82 2.23 8.90
C ARG C 71 4.15 1.91 8.24
N VAL C 72 4.97 2.92 8.05
CA VAL C 72 6.26 2.75 7.41
C VAL C 72 7.11 1.71 8.15
N ALA C 73 7.14 1.78 9.47
CA ALA C 73 7.89 0.80 10.24
C ALA C 73 7.27 -0.60 10.09
N PHE C 74 5.95 -0.67 10.10
CA PHE C 74 5.28 -1.97 10.04
C PHE C 74 5.64 -2.68 8.72
N PHE C 75 5.75 -1.92 7.65
CA PHE C 75 5.93 -2.51 6.31
C PHE C 75 7.36 -2.41 5.77
N ASP C 76 8.26 -1.99 6.65
CA ASP C 76 9.69 -1.97 6.35
C ASP C 76 10.06 -3.29 5.62
N LEU C 77 10.71 -3.18 4.47
CA LEU C 77 10.91 -4.34 3.61
C LEU C 77 11.80 -5.39 4.25
N GLU C 78 12.92 -4.95 4.83
CA GLU C 78 13.83 -5.87 5.50
C GLU C 78 13.10 -6.56 6.66
N LYS C 79 12.30 -5.79 7.39
CA LYS C 79 11.56 -6.35 8.53
C LYS C 79 10.42 -7.27 8.05
N SER C 80 9.70 -6.84 7.02
CA SER C 80 8.65 -7.68 6.45
C SER C 80 9.22 -8.98 5.91
N LYS C 81 10.38 -8.88 5.27
CA LYS C 81 11.03 -10.04 4.66
C LYS C 81 11.42 -11.03 5.75
N GLU C 82 12.12 -10.51 6.75
CA GLU C 82 12.55 -11.31 7.89
C GLU C 82 11.38 -11.99 8.61
N GLN C 83 10.30 -11.26 8.85
CA GLN C 83 9.12 -11.82 9.51
C GLN C 83 8.49 -12.95 8.71
N TYR C 84 8.33 -12.74 7.41
CA TYR C 84 7.71 -13.75 6.58
C TYR C 84 8.58 -15.00 6.55
N ALA C 85 9.89 -14.81 6.37
CA ALA C 85 10.82 -15.94 6.37
C ALA C 85 10.74 -16.67 7.70
N ALA C 86 10.70 -15.91 8.80
CA ALA C 86 10.60 -16.50 10.12
C ALA C 86 9.32 -17.31 10.26
N TRP C 87 8.24 -16.75 9.71
CA TRP C 87 6.94 -17.40 9.69
C TRP C 87 7.02 -18.77 9.06
N ILE C 88 7.58 -18.81 7.86
CA ILE C 88 7.77 -20.06 7.13
C ILE C 88 8.59 -21.06 7.96
N ALA C 89 9.66 -20.56 8.56
CA ALA C 89 10.61 -21.38 9.29
C ALA C 89 9.93 -22.10 10.43
N THR C 90 9.10 -21.37 11.17
CA THR C 90 8.37 -21.90 12.30
C THR C 90 7.43 -23.03 11.86
N LEU C 91 6.60 -22.72 10.87
CA LEU C 91 5.63 -23.68 10.38
C LEU C 91 6.28 -24.98 9.89
N MET C 92 7.33 -24.83 9.09
CA MET C 92 8.07 -25.98 8.59
C MET C 92 8.62 -26.81 9.74
N GLU C 93 9.22 -26.14 10.71
CA GLU C 93 9.79 -26.81 11.87
C GLU C 93 8.73 -27.54 12.69
N LYS C 94 7.62 -26.86 12.95
CA LYS C 94 6.58 -27.37 13.84
C LYS C 94 5.83 -28.57 13.25
N TYR C 95 5.62 -28.56 11.93
CA TYR C 95 4.84 -29.61 11.30
C TYR C 95 5.67 -30.50 10.39
N GLY C 96 6.98 -30.32 10.42
CA GLY C 96 7.92 -31.16 9.71
C GLY C 96 7.86 -31.12 8.20
N TYR C 97 7.64 -29.94 7.64
CA TYR C 97 7.73 -29.79 6.20
C TYR C 97 9.18 -29.68 5.77
N ARG C 98 9.59 -30.56 4.87
CA ARG C 98 10.97 -30.60 4.40
C ARG C 98 11.32 -29.35 3.60
N THR C 99 10.39 -28.91 2.76
CA THR C 99 10.59 -27.75 1.91
C THR C 99 9.49 -26.71 2.08
N LYS C 100 9.74 -25.51 1.60
CA LYS C 100 8.69 -24.50 1.53
C LYS C 100 7.50 -24.99 0.72
N ARG C 101 7.78 -25.71 -0.37
CA ARG C 101 6.75 -26.21 -1.26
C ARG C 101 5.78 -27.12 -0.52
N ALA C 102 6.33 -28.01 0.28
CA ALA C 102 5.54 -28.95 1.05
C ALA C 102 4.59 -28.14 1.92
N LEU C 103 5.12 -27.12 2.56
CA LEU C 103 4.31 -26.26 3.41
C LEU C 103 3.18 -25.58 2.64
N PHE C 104 3.51 -25.06 1.47
CA PHE C 104 2.61 -24.23 0.72
C PHE C 104 1.70 -24.94 -0.28
N LYS C 105 2.10 -26.13 -0.73
CA LYS C 105 1.47 -26.71 -1.92
C LYS C 105 -0.01 -26.97 -1.73
N ASN C 106 -0.43 -27.30 -0.52
CA ASN C 106 -1.84 -27.47 -0.24
C ASN C 106 -2.36 -26.43 0.73
N MET C 107 -1.73 -25.27 0.76
CA MET C 107 -2.16 -24.27 1.72
C MET C 107 -3.25 -23.41 1.12
N LYS C 108 -4.38 -23.40 1.81
CA LYS C 108 -5.44 -22.51 1.44
C LYS C 108 -5.31 -21.30 2.29
N LYS C 109 -5.90 -20.21 1.83
CA LYS C 109 -5.91 -19.00 2.60
C LYS C 109 -7.32 -18.46 2.54
N VAL C 110 -7.90 -18.18 3.69
CA VAL C 110 -9.20 -17.53 3.72
C VAL C 110 -9.04 -16.19 4.41
N GLY C 111 -9.54 -15.15 3.76
CA GLY C 111 -9.42 -13.80 4.28
C GLY C 111 -10.68 -13.49 5.05
N ILE C 112 -10.51 -12.89 6.22
CA ILE C 112 -11.65 -12.48 7.01
C ILE C 112 -11.58 -10.97 7.25
N HIS C 113 -12.69 -10.30 6.99
CA HIS C 113 -12.73 -8.86 7.10
C HIS C 113 -13.96 -8.45 7.87
N LEU C 114 -13.77 -7.69 8.94
CA LEU C 114 -14.91 -7.23 9.71
C LEU C 114 -14.90 -5.72 9.66
N VAL C 115 -15.95 -5.15 9.11
CA VAL C 115 -16.14 -3.71 9.17
C VAL C 115 -17.58 -3.45 9.52
N ASN C 116 -17.77 -2.57 10.49
CA ASN C 116 -19.09 -2.18 10.93
C ASN C 116 -19.89 -3.41 11.36
N ASP C 117 -21.00 -3.69 10.69
CA ASP C 117 -21.83 -4.79 11.17
C ASP C 117 -21.53 -6.12 10.48
N VAL C 118 -20.50 -6.17 9.65
CA VAL C 118 -20.36 -7.31 8.75
C VAL C 118 -19.01 -8.02 8.73
N ILE C 119 -19.08 -9.34 8.84
CA ILE C 119 -17.91 -10.19 8.65
C ILE C 119 -17.98 -10.79 7.24
N THR C 120 -16.95 -10.52 6.45
CA THR C 120 -16.87 -11.05 5.10
C THR C 120 -15.77 -12.09 5.06
N ILE C 121 -16.10 -13.29 4.59
CA ILE C 121 -15.11 -14.36 4.58
C ILE C 121 -14.83 -14.71 3.15
N ARG C 122 -13.65 -14.39 2.68
CA ARG C 122 -13.34 -14.57 1.26
C ARG C 122 -12.44 -15.75 1.04
N PRO C 123 -12.93 -16.72 0.26
CA PRO C 123 -12.07 -17.77 -0.28
C PRO C 123 -11.04 -17.10 -1.18
N SER C 124 -9.97 -17.81 -1.48
CA SER C 124 -8.95 -17.26 -2.35
C SER C 124 -8.58 -18.27 -3.41
N PHE C 125 -7.93 -17.77 -4.44
CA PHE C 125 -7.39 -18.59 -5.50
C PHE C 125 -5.93 -18.72 -5.18
N HIS C 126 -5.49 -19.96 -5.04
CA HIS C 126 -4.10 -20.24 -4.74
C HIS C 126 -3.31 -20.17 -6.04
N GLU C 127 -2.88 -18.97 -6.42
CA GLU C 127 -2.39 -18.73 -7.77
C GLU C 127 -0.93 -19.12 -7.98
N LYS C 128 -0.09 -18.89 -6.98
CA LYS C 128 1.29 -19.36 -7.03
C LYS C 128 1.52 -20.08 -5.74
N LEU C 129 2.66 -20.72 -5.61
CA LEU C 129 2.95 -21.44 -4.38
C LEU C 129 2.67 -20.56 -3.17
N GLU C 130 3.21 -19.34 -3.18
CA GLU C 130 3.12 -18.49 -2.00
C GLU C 130 2.23 -17.26 -2.18
N ALA C 131 1.26 -17.38 -3.06
CA ALA C 131 0.38 -16.25 -3.35
C ALA C 131 -1.07 -16.69 -3.48
N TRP C 132 -1.94 -15.93 -2.85
CA TRP C 132 -3.35 -16.16 -2.89
C TRP C 132 -4.01 -14.90 -3.38
N SER C 133 -4.92 -15.05 -4.33
CA SER C 133 -5.53 -13.91 -4.94
C SER C 133 -7.04 -14.02 -4.91
N GLY C 134 -7.69 -12.86 -4.86
CA GLY C 134 -9.12 -12.79 -4.96
C GLY C 134 -9.55 -12.81 -6.42
N ASN C 135 -8.59 -12.73 -7.35
CA ASN C 135 -8.94 -12.86 -8.74
C ASN C 135 -9.55 -14.24 -8.90
N ARG C 136 -10.55 -14.35 -9.75
CA ARG C 136 -11.11 -15.67 -10.00
C ARG C 136 -11.91 -16.24 -8.81
N ILE C 137 -12.00 -15.49 -7.72
CA ILE C 137 -13.02 -15.78 -6.71
C ILE C 137 -14.13 -14.75 -6.88
N ASN C 138 -15.34 -15.21 -7.16
CA ASN C 138 -16.42 -14.27 -7.40
C ASN C 138 -17.01 -13.79 -6.10
N GLU C 139 -17.45 -12.53 -6.07
CA GLU C 139 -18.03 -11.92 -4.87
C GLU C 139 -19.13 -12.81 -4.29
N SER C 140 -19.87 -13.46 -5.19
CA SER C 140 -20.96 -14.34 -4.79
C SER C 140 -20.48 -15.54 -3.98
N ASP C 141 -19.18 -15.85 -4.04
CA ASP C 141 -18.65 -16.96 -3.27
C ASP C 141 -18.21 -16.56 -1.87
N TYR C 142 -18.24 -15.25 -1.60
CA TYR C 142 -17.94 -14.75 -0.26
C TYR C 142 -18.95 -15.30 0.73
N VAL C 143 -18.50 -15.57 1.95
CA VAL C 143 -19.43 -15.91 3.02
C VAL C 143 -19.58 -14.69 3.88
N VAL C 144 -20.77 -14.12 3.89
CA VAL C 144 -21.05 -12.91 4.64
C VAL C 144 -21.90 -13.24 5.86
N LEU C 145 -21.44 -12.80 7.02
CA LEU C 145 -22.10 -13.08 8.28
C LEU C 145 -22.18 -11.80 9.08
N PRO C 146 -23.31 -11.55 9.74
CA PRO C 146 -23.34 -10.44 10.69
C PRO C 146 -22.23 -10.60 11.71
N ALA C 147 -21.69 -9.49 12.20
CA ALA C 147 -20.59 -9.52 13.14
C ALA C 147 -20.95 -10.15 14.48
N ASP C 148 -22.23 -10.15 14.83
CA ASP C 148 -22.66 -10.72 16.11
C ASP C 148 -22.98 -12.20 16.01
N SER C 149 -22.63 -12.84 14.90
CA SER C 149 -22.81 -14.29 14.76
C SER C 149 -22.12 -15.03 15.91
N SER C 150 -22.69 -16.16 16.32
CA SER C 150 -22.04 -16.98 17.33
C SER C 150 -20.69 -17.47 16.81
N PRO C 151 -19.75 -17.75 17.71
CA PRO C 151 -18.47 -18.32 17.29
C PRO C 151 -18.66 -19.55 16.41
N THR C 152 -19.68 -20.37 16.70
CA THR C 152 -19.92 -21.55 15.91
C THR C 152 -20.26 -21.19 14.46
N GLU C 153 -21.11 -20.18 14.26
CA GLU C 153 -21.50 -19.79 12.90
C GLU C 153 -20.31 -19.18 12.15
N ILE C 154 -19.45 -18.48 12.87
CA ILE C 154 -18.28 -17.94 12.24
C ILE C 154 -17.33 -19.08 11.84
N GLY C 155 -17.11 -20.01 12.76
CA GLY C 155 -16.31 -21.19 12.48
C GLY C 155 -16.87 -21.95 11.30
N SER C 156 -18.19 -22.18 11.31
CA SER C 156 -18.84 -22.86 10.20
C SER C 156 -18.67 -22.10 8.88
N GLY C 157 -18.76 -20.78 8.94
CA GLY C 157 -18.66 -19.97 7.75
C GLY C 157 -17.26 -20.01 7.18
N LEU C 158 -16.28 -20.14 8.07
CA LEU C 158 -14.91 -20.28 7.62
C LEU C 158 -14.72 -21.59 6.85
N ARG C 159 -15.37 -22.65 7.32
CA ARG C 159 -15.29 -23.95 6.67
C ARG C 159 -15.94 -23.90 5.31
N LEU C 160 -17.05 -23.19 5.23
CA LEU C 160 -17.74 -22.99 3.97
C LEU C 160 -16.82 -22.28 2.97
N ALA C 161 -16.22 -21.17 3.39
CA ALA C 161 -15.32 -20.42 2.53
C ALA C 161 -14.16 -21.30 2.09
N LEU C 162 -13.61 -22.08 3.02
CA LEU C 162 -12.49 -22.96 2.71
C LEU C 162 -12.86 -23.89 1.57
N SER C 163 -14.10 -24.38 1.58
CA SER C 163 -14.56 -25.27 0.52
C SER C 163 -14.61 -24.55 -0.83
N ARG C 164 -14.54 -23.22 -0.85
CA ARG C 164 -14.67 -22.47 -2.11
C ARG C 164 -13.36 -21.90 -2.64
N CYS C 165 -12.27 -22.13 -1.91
CA CYS C 165 -10.96 -21.72 -2.40
C CYS C 165 -10.66 -22.52 -3.65
N LYS C 166 -9.93 -21.91 -4.59
CA LYS C 166 -9.53 -22.58 -5.80
C LYS C 166 -8.00 -22.69 -5.82
N GLY C 167 -7.48 -23.69 -6.52
CA GLY C 167 -6.05 -23.93 -6.47
C GLY C 167 -5.46 -24.44 -7.76
N THR C 168 -4.14 -24.66 -7.74
CA THR C 168 -3.42 -25.28 -8.84
C THR C 168 -3.58 -24.50 -10.15
N SER D 1 -6.62 -2.79 -0.97
CA SER D 1 -7.43 -1.57 -1.06
C SER D 1 -8.09 -1.29 -2.41
N ORN D 2 -12.73 -4.44 -3.80
CA ORN D 2 -11.43 -4.75 -4.56
CB ORN D 2 -10.29 -3.88 -4.04
CG ORN D 2 -10.15 -2.51 -4.65
CD ORN D 2 -8.65 -2.01 -4.61
NE ORN D 2 -8.05 -2.22 -3.36
C ORN D 2 -11.00 -6.19 -4.37
O ORN D 2 -11.14 -6.71 -3.34
H2 ORN D 2 -12.57 -4.36 -2.79
H ORN D 2 -13.44 -5.16 -3.94
HA ORN D 2 -11.57 -4.55 -5.65
HB2 ORN D 2 -10.40 -3.75 -2.94
HB3 ORN D 2 -9.34 -4.41 -4.25
HG2 ORN D 2 -10.79 -1.79 -4.11
HG3 ORN D 2 -10.47 -2.56 -5.72
HD2 ORN D 2 -8.06 -2.58 -5.38
HD3 ORN D 2 -8.63 -0.88 -4.83
HE1 ORN D 2 -7.60 -3.15 -3.26
N LYS D 3 -10.42 -6.77 -5.40
CA LYS D 3 -9.89 -8.12 -5.29
C LYS D 3 -8.64 -8.00 -4.44
N GLU D 4 -8.42 -8.97 -3.56
CA GLU D 4 -7.28 -8.91 -2.66
C GLU D 4 -6.14 -9.76 -3.20
N TYR D 5 -4.93 -9.45 -2.77
CA TYR D 5 -3.78 -10.26 -3.14
C TYR D 5 -2.94 -10.51 -1.89
N ALA D 6 -2.69 -11.77 -1.57
CA ALA D 6 -1.94 -12.11 -0.37
C ALA D 6 -0.60 -12.73 -0.76
N LEU D 7 0.47 -12.14 -0.25
CA LEU D 7 1.81 -12.58 -0.59
C LEU D 7 2.79 -12.16 0.50
N SER D 8 3.64 -13.09 0.94
CA SER D 8 4.75 -12.77 1.83
C SER D 8 4.34 -12.06 3.13
N GLY D 9 3.27 -12.54 3.74
CA GLY D 9 2.84 -12.00 5.03
C GLY D 9 2.10 -10.70 4.86
N ARG D 10 1.79 -10.38 3.62
CA ARG D 10 1.11 -9.15 3.31
C ARG D 10 -0.16 -9.41 2.54
N GLU D 11 -1.09 -8.46 2.60
CA GLU D 11 -2.26 -8.53 1.74
C GLU D 11 -2.62 -7.14 1.30
N LEU D 12 -2.78 -7.01 0.00
CA LEU D 12 -3.25 -5.77 -0.61
C LEU D 12 -4.76 -5.80 -0.57
N THR D 13 -5.36 -4.86 0.14
CA THR D 13 -6.80 -4.87 0.30
C THR D 13 -7.44 -3.68 -0.42
CL CL E . -0.66 4.10 0.81
CL CL F . -3.49 -2.30 -0.42
#